data_3BSH
#
_entry.id   3BSH
#
_cell.length_a   99.500
_cell.length_b   72.100
_cell.length_c   60.800
_cell.angle_alpha   90.00
_cell.angle_beta   90.00
_cell.angle_gamma   90.00
#
_symmetry.space_group_name_H-M   'P 21 21 2'
#
loop_
_entity.id
_entity.type
_entity.pdbx_description
1 polymer 'Alpha-amylase type A isozyme'
2 non-polymer beta-D-glucopyranose
3 non-polymer 'CALCIUM ION'
4 water water
#
_entity_poly.entity_id   1
_entity_poly.type   'polypeptide(L)'
_entity_poly.pdbx_seq_one_letter_code
;HQVLFQGFNWESWKQSGGWYNMMMGKVDDIAAAGVTHVWLPPPSHSVSNEGYMPGRLYDIDASKYGNAAELKSLIGALHG
KGVQAIADIVINHRCADYKDSRGIACIFEGGTSDGRLDWGPHMICRDDTKYSDGTANLDTGADFAAAPDIDHLNDRVQRE
LKEWLLWLKSDLGFDAWRLDFARGYSPEMAKVYIDGTSPSLAVAEVWDNMATGGDGKPNYDQDAHRQNLVNWVDKVGGAA
SAGMVFDFTTKGILNAAVEGELWRLIDPQGKAPGVMGWWPAKAVTFVDNHDTGSTQAMWPFPSDKVMQGYAYILTHPGIP
CIFYDHFFNWGFKDQIAALVAIRKRNGITATSALKILMHEGDAYVAEIDGKVVVKIGSRADVGAVIPAGFVTSAHGNDYA
VWEKNGAAATLQRS
;
_entity_poly.pdbx_strand_id   A
#
# COMPACT_ATOMS: atom_id res chain seq x y z
N HIS A 1 -18.04 -4.57 1.78
CA HIS A 1 -16.83 -4.90 2.59
C HIS A 1 -15.57 -5.03 1.73
N GLN A 2 -14.44 -4.58 2.25
CA GLN A 2 -13.17 -4.67 1.53
C GLN A 2 -12.05 -4.12 2.40
N VAL A 3 -11.15 -5.02 2.79
CA VAL A 3 -10.03 -4.66 3.65
C VAL A 3 -8.73 -5.32 3.20
N LEU A 4 -7.65 -4.54 3.14
CA LEU A 4 -6.35 -5.04 2.71
C LEU A 4 -5.44 -5.43 3.88
N PHE A 5 -4.44 -6.25 3.60
CA PHE A 5 -3.52 -6.68 4.65
C PHE A 5 -2.09 -6.93 4.15
N GLN A 6 -1.15 -6.05 4.51
CA GLN A 6 0.26 -6.18 4.13
C GLN A 6 0.88 -7.36 4.88
N GLY A 7 1.03 -8.49 4.19
CA GLY A 7 1.55 -9.68 4.82
C GLY A 7 3.05 -9.87 4.95
N PHE A 8 3.74 -8.83 5.41
CA PHE A 8 5.19 -8.88 5.60
C PHE A 8 5.74 -7.55 6.11
N ASN A 9 7.00 -7.57 6.53
CA ASN A 9 7.71 -6.39 7.00
C ASN A 9 9.14 -6.54 6.50
N TRP A 10 9.94 -5.51 6.72
CA TRP A 10 11.34 -5.48 6.31
C TRP A 10 12.05 -6.80 6.59
N GLU A 11 12.10 -7.19 7.86
CA GLU A 11 12.77 -8.40 8.31
C GLU A 11 12.28 -9.75 7.77
N SER A 12 11.06 -9.80 7.25
CA SER A 12 10.49 -11.04 6.73
C SER A 12 11.41 -12.03 5.98
N TRP A 13 12.27 -11.54 5.11
CA TRP A 13 13.14 -12.44 4.35
C TRP A 13 13.99 -13.34 5.26
N LYS A 14 14.38 -12.82 6.42
CA LYS A 14 15.21 -13.55 7.37
C LYS A 14 14.55 -14.80 7.91
N GLN A 15 13.21 -14.74 8.03
CA GLN A 15 12.37 -15.84 8.54
C GLN A 15 12.83 -17.27 8.31
N SER A 16 13.21 -17.93 9.40
CA SER A 16 13.65 -19.30 9.33
C SER A 16 12.56 -20.15 8.66
N GLY A 17 12.97 -20.95 7.67
CA GLY A 17 12.04 -21.83 6.96
C GLY A 17 11.36 -21.24 5.73
N GLY A 18 11.53 -19.95 5.54
CA GLY A 18 10.91 -19.28 4.40
C GLY A 18 9.69 -18.50 4.87
N TRP A 19 9.57 -17.25 4.46
CA TRP A 19 8.44 -16.44 4.87
C TRP A 19 7.07 -17.03 4.53
N TYR A 20 6.90 -17.54 3.31
CA TYR A 20 5.62 -18.12 2.91
C TYR A 20 5.16 -19.27 3.77
N ASN A 21 6.08 -20.17 4.11
CA ASN A 21 5.74 -21.32 4.92
C ASN A 21 5.24 -20.94 6.29
N MET A 22 5.89 -19.98 6.93
CA MET A 22 5.45 -19.57 8.25
C MET A 22 4.10 -18.87 8.14
N MET A 23 3.85 -18.27 6.97
CA MET A 23 2.61 -17.57 6.68
C MET A 23 1.42 -18.50 6.51
N MET A 24 1.68 -19.71 6.01
CA MET A 24 0.62 -20.68 5.82
C MET A 24 -0.12 -20.82 7.15
N GLY A 25 0.60 -20.50 8.22
CA GLY A 25 0.03 -20.61 9.54
C GLY A 25 -0.79 -19.42 9.98
N LYS A 26 -0.84 -18.37 9.16
CA LYS A 26 -1.59 -17.18 9.52
C LYS A 26 -2.79 -17.00 8.65
N VAL A 27 -3.05 -17.95 7.75
CA VAL A 27 -4.17 -17.84 6.83
C VAL A 27 -5.57 -17.68 7.46
N ASP A 28 -6.00 -18.64 8.27
CA ASP A 28 -7.33 -18.56 8.87
C ASP A 28 -7.50 -17.35 9.76
N ASP A 29 -6.50 -17.06 10.58
CA ASP A 29 -6.53 -15.91 11.47
C ASP A 29 -6.82 -14.60 10.72
N ILE A 30 -6.15 -14.45 9.57
CA ILE A 30 -6.29 -13.27 8.73
C ILE A 30 -7.66 -13.26 8.07
N ALA A 31 -8.01 -14.40 7.51
CA ALA A 31 -9.29 -14.55 6.84
C ALA A 31 -10.41 -14.36 7.85
N ALA A 32 -10.43 -15.14 8.91
CA ALA A 32 -11.49 -15.03 9.90
C ALA A 32 -11.66 -13.60 10.41
N ALA A 33 -10.54 -12.87 10.49
CA ALA A 33 -10.54 -11.49 10.97
C ALA A 33 -11.28 -10.47 10.08
N GLY A 34 -11.55 -10.86 8.83
CA GLY A 34 -12.26 -9.97 7.94
C GLY A 34 -11.50 -9.47 6.73
N VAL A 35 -10.21 -9.76 6.66
CA VAL A 35 -9.43 -9.31 5.52
C VAL A 35 -9.97 -9.91 4.22
N THR A 36 -9.66 -9.29 3.10
CA THR A 36 -10.15 -9.75 1.80
C THR A 36 -9.02 -9.76 0.78
N HIS A 37 -7.93 -9.09 1.12
CA HIS A 37 -6.80 -9.01 0.21
C HIS A 37 -5.52 -9.02 1.00
N VAL A 38 -4.50 -9.71 0.47
CA VAL A 38 -3.21 -9.70 1.13
C VAL A 38 -2.12 -9.29 0.13
N TRP A 39 -1.26 -8.40 0.61
CA TRP A 39 -0.15 -7.83 -0.12
C TRP A 39 1.13 -8.55 0.27
N LEU A 40 1.68 -9.30 -0.68
CA LEU A 40 2.90 -10.06 -0.46
C LEU A 40 4.05 -9.36 -1.19
N PRO A 41 5.27 -9.47 -0.69
CA PRO A 41 6.46 -8.83 -1.28
C PRO A 41 6.81 -9.19 -2.72
N PRO A 42 7.88 -8.59 -3.26
CA PRO A 42 8.31 -8.87 -4.62
C PRO A 42 8.76 -10.33 -4.64
N PRO A 43 8.07 -11.17 -5.41
CA PRO A 43 8.40 -12.60 -5.50
C PRO A 43 9.66 -12.93 -6.27
N SER A 44 10.08 -12.01 -7.14
CA SER A 44 11.23 -12.21 -7.99
C SER A 44 12.58 -12.24 -7.33
N HIS A 45 13.57 -12.70 -8.10
CA HIS A 45 14.94 -12.73 -7.65
C HIS A 45 15.37 -11.26 -7.55
N SER A 46 16.06 -10.93 -6.48
CA SER A 46 16.48 -9.56 -6.27
C SER A 46 17.91 -9.50 -5.79
N VAL A 47 18.65 -8.55 -6.33
CA VAL A 47 20.04 -8.33 -5.94
C VAL A 47 20.06 -8.17 -4.42
N SER A 48 19.12 -7.36 -3.93
CA SER A 48 18.94 -7.10 -2.50
C SER A 48 18.05 -8.22 -1.94
N ASN A 49 17.95 -8.31 -0.62
CA ASN A 49 17.14 -9.35 -0.03
C ASN A 49 15.64 -9.11 -0.10
N GLU A 50 15.18 -8.06 0.57
CA GLU A 50 13.75 -7.74 0.60
C GLU A 50 13.10 -7.76 -0.79
N GLY A 51 13.93 -7.70 -1.83
CA GLY A 51 13.40 -7.78 -3.18
C GLY A 51 13.07 -6.54 -3.96
N TYR A 52 13.50 -5.38 -3.51
CA TYR A 52 13.22 -4.16 -4.24
C TYR A 52 14.33 -3.74 -5.21
N MET A 53 15.18 -4.72 -5.55
CA MET A 53 16.30 -4.54 -6.48
C MET A 53 16.25 -5.73 -7.46
N PRO A 54 15.06 -6.02 -8.02
CA PRO A 54 14.78 -7.12 -8.95
C PRO A 54 15.62 -7.26 -10.20
N GLY A 55 15.87 -8.51 -10.56
CA GLY A 55 16.65 -8.78 -11.77
C GLY A 55 15.98 -9.86 -12.60
N ARG A 56 16.37 -11.10 -12.34
CA ARG A 56 15.80 -12.23 -13.06
C ARG A 56 14.35 -12.29 -12.64
N LEU A 57 13.49 -11.58 -13.36
CA LEU A 57 12.08 -11.51 -13.04
C LEU A 57 11.30 -12.80 -12.99
N TYR A 58 11.53 -13.69 -13.93
CA TYR A 58 10.81 -14.97 -13.95
C TYR A 58 11.42 -15.92 -12.93
N ASP A 59 12.55 -15.52 -12.34
CA ASP A 59 13.23 -16.33 -11.36
C ASP A 59 12.60 -16.08 -10.03
N ILE A 60 11.58 -16.88 -9.74
CA ILE A 60 10.84 -16.80 -8.50
C ILE A 60 11.61 -17.52 -7.40
N ASP A 61 12.13 -18.71 -7.73
CA ASP A 61 12.87 -19.54 -6.76
C ASP A 61 14.04 -18.88 -6.00
N ALA A 62 14.81 -18.06 -6.69
CA ALA A 62 15.93 -17.41 -6.03
C ALA A 62 15.55 -16.56 -4.84
N SER A 63 14.29 -16.16 -4.75
CA SER A 63 13.84 -15.28 -3.68
C SER A 63 14.17 -15.73 -2.26
N LYS A 64 14.63 -14.78 -1.43
CA LYS A 64 14.98 -15.05 -0.04
C LYS A 64 13.69 -15.37 0.71
N TYR A 65 12.58 -15.00 0.09
CA TYR A 65 11.26 -15.19 0.67
C TYR A 65 10.74 -16.62 0.57
N GLY A 66 11.03 -17.28 -0.55
CA GLY A 66 10.58 -18.64 -0.76
C GLY A 66 10.54 -18.80 -2.25
N ASN A 67 10.13 -19.95 -2.75
CA ASN A 67 10.10 -20.18 -4.19
C ASN A 67 8.70 -20.25 -4.81
N ALA A 68 8.65 -20.62 -6.09
CA ALA A 68 7.40 -20.71 -6.83
C ALA A 68 6.39 -21.69 -6.23
N ALA A 69 6.90 -22.82 -5.76
CA ALA A 69 6.07 -23.85 -5.18
C ALA A 69 5.33 -23.29 -4.01
N GLU A 70 6.09 -22.83 -3.02
CA GLU A 70 5.55 -22.30 -1.78
C GLU A 70 4.66 -21.05 -1.93
N LEU A 71 4.99 -20.19 -2.89
CA LEU A 71 4.17 -19.02 -3.13
C LEU A 71 2.76 -19.51 -3.51
N LYS A 72 2.68 -20.41 -4.49
CA LYS A 72 1.37 -20.95 -4.88
C LYS A 72 0.78 -21.65 -3.67
N SER A 73 1.53 -22.56 -3.07
CA SER A 73 1.05 -23.28 -1.90
C SER A 73 0.36 -22.30 -0.96
N LEU A 74 0.95 -21.11 -0.82
CA LEU A 74 0.46 -20.02 0.04
C LEU A 74 -0.67 -19.17 -0.53
N ILE A 75 -0.64 -18.92 -1.85
CA ILE A 75 -1.69 -18.12 -2.45
C ILE A 75 -2.96 -18.95 -2.54
N GLY A 76 -2.81 -20.26 -2.63
CA GLY A 76 -3.98 -21.10 -2.73
C GLY A 76 -4.73 -21.27 -1.42
N ALA A 77 -4.01 -21.19 -0.32
CA ALA A 77 -4.62 -21.31 1.01
C ALA A 77 -5.52 -20.12 1.22
N LEU A 78 -5.01 -18.96 0.78
CA LEU A 78 -5.68 -17.66 0.83
C LEU A 78 -6.94 -17.71 0.00
N HIS A 79 -6.81 -18.20 -1.22
CA HIS A 79 -7.94 -18.31 -2.12
C HIS A 79 -8.95 -19.26 -1.52
N GLY A 80 -8.48 -20.20 -0.70
CA GLY A 80 -9.38 -21.16 -0.08
C GLY A 80 -10.28 -20.58 0.98
N LYS A 81 -9.82 -19.49 1.58
CA LYS A 81 -10.58 -18.81 2.61
C LYS A 81 -11.18 -17.54 2.00
N GLY A 82 -11.14 -17.48 0.67
CA GLY A 82 -11.71 -16.36 -0.06
C GLY A 82 -11.01 -15.02 0.08
N VAL A 83 -9.69 -15.02 0.04
CA VAL A 83 -8.90 -13.79 0.14
C VAL A 83 -8.07 -13.67 -1.13
N GLN A 84 -8.07 -12.49 -1.75
CA GLN A 84 -7.30 -12.32 -2.98
C GLN A 84 -5.82 -12.15 -2.69
N ALA A 85 -5.01 -12.22 -3.75
CA ALA A 85 -3.56 -12.09 -3.62
C ALA A 85 -2.97 -10.94 -4.41
N ILE A 86 -2.16 -10.11 -3.75
CA ILE A 86 -1.53 -8.99 -4.44
C ILE A 86 -0.03 -9.20 -4.58
N ALA A 87 0.51 -8.79 -5.73
CA ALA A 87 1.93 -8.92 -5.98
C ALA A 87 2.60 -7.56 -5.97
N ASP A 88 3.69 -7.45 -5.23
CA ASP A 88 4.44 -6.20 -5.14
C ASP A 88 5.19 -6.03 -6.45
N ILE A 89 4.60 -5.28 -7.38
CA ILE A 89 5.18 -5.06 -8.70
C ILE A 89 6.19 -3.92 -8.74
N VAL A 90 7.48 -4.27 -8.88
CA VAL A 90 8.58 -3.31 -8.94
C VAL A 90 9.20 -3.21 -10.33
N ILE A 91 8.76 -2.24 -11.12
CA ILE A 91 9.29 -2.09 -12.47
C ILE A 91 9.86 -0.73 -12.87
N ASN A 92 9.87 0.25 -11.98
CA ASN A 92 10.44 1.54 -12.37
C ASN A 92 11.91 1.36 -12.74
N HIS A 93 12.60 0.48 -12.00
CA HIS A 93 14.02 0.21 -12.21
C HIS A 93 14.29 -1.28 -12.13
N ARG A 94 15.48 -1.68 -12.52
CA ARG A 94 15.83 -3.09 -12.51
C ARG A 94 17.35 -3.27 -12.55
N CYS A 95 17.85 -4.37 -12.00
CA CYS A 95 19.28 -4.63 -12.01
C CYS A 95 19.68 -5.63 -13.11
N ALA A 96 20.72 -5.27 -13.88
CA ALA A 96 21.21 -6.14 -14.95
C ALA A 96 22.09 -7.26 -14.39
N ASP A 97 21.74 -8.50 -14.69
CA ASP A 97 22.50 -9.62 -14.19
C ASP A 97 23.96 -9.60 -14.57
N TYR A 98 24.29 -9.22 -15.81
CA TYR A 98 25.72 -9.19 -16.15
C TYR A 98 26.33 -8.05 -16.99
N LYS A 99 27.66 -8.01 -17.00
CA LYS A 99 28.47 -7.00 -17.69
C LYS A 99 28.56 -7.05 -19.21
N ASP A 100 28.37 -5.88 -19.82
CA ASP A 100 28.40 -5.72 -21.28
C ASP A 100 29.80 -5.43 -21.83
N SER A 101 29.85 -5.09 -23.11
CA SER A 101 31.11 -4.78 -23.81
C SER A 101 31.93 -3.65 -23.19
N ARG A 102 31.26 -2.78 -22.42
CA ARG A 102 31.90 -1.63 -21.77
C ARG A 102 32.30 -1.81 -20.32
N GLY A 103 31.80 -2.84 -19.66
CA GLY A 103 32.13 -3.05 -18.26
C GLY A 103 30.96 -2.62 -17.36
N ILE A 104 30.12 -1.71 -17.88
CA ILE A 104 28.93 -1.23 -17.17
C ILE A 104 27.94 -2.40 -17.12
N ALA A 105 27.32 -2.63 -15.97
CA ALA A 105 26.35 -3.71 -15.85
C ALA A 105 24.99 -3.32 -16.44
N CYS A 106 24.77 -3.67 -17.71
CA CYS A 106 23.54 -3.34 -18.40
C CYS A 106 22.94 -4.47 -19.22
N ILE A 107 23.47 -5.69 -19.11
CA ILE A 107 22.88 -6.78 -19.86
C ILE A 107 22.00 -7.58 -18.93
N PHE A 108 20.70 -7.53 -19.20
CA PHE A 108 19.69 -8.20 -18.38
C PHE A 108 19.35 -9.62 -18.76
N GLU A 109 19.00 -10.42 -17.75
CA GLU A 109 18.57 -11.81 -17.91
C GLU A 109 17.14 -11.93 -17.34
N GLY A 110 16.17 -12.23 -18.20
CA GLY A 110 14.78 -12.36 -17.76
C GLY A 110 14.52 -13.47 -16.76
N GLY A 111 15.23 -14.57 -16.91
CA GLY A 111 15.06 -15.69 -16.01
C GLY A 111 14.54 -16.93 -16.69
N THR A 112 14.62 -16.99 -18.01
CA THR A 112 14.15 -18.17 -18.74
C THR A 112 15.16 -18.51 -19.83
N SER A 113 14.92 -19.59 -20.55
CA SER A 113 15.84 -20.03 -21.62
C SER A 113 15.88 -19.06 -22.81
N ASP A 114 14.72 -18.51 -23.18
CA ASP A 114 14.70 -17.57 -24.29
C ASP A 114 15.30 -16.23 -23.86
N GLY A 115 15.03 -15.20 -24.64
CA GLY A 115 15.59 -13.90 -24.32
C GLY A 115 14.61 -12.95 -23.71
N ARG A 116 13.46 -13.47 -23.27
CA ARG A 116 12.44 -12.62 -22.67
C ARG A 116 12.99 -11.88 -21.43
N LEU A 117 12.98 -10.56 -21.54
CA LEU A 117 13.50 -9.67 -20.51
C LEU A 117 15.03 -9.70 -20.56
N ASP A 118 15.60 -10.34 -21.58
CA ASP A 118 17.04 -10.40 -21.77
C ASP A 118 17.42 -9.12 -22.52
N TRP A 119 16.99 -7.98 -21.97
CA TRP A 119 17.19 -6.64 -22.52
C TRP A 119 18.62 -6.13 -22.41
N GLY A 120 18.92 -5.06 -23.13
CA GLY A 120 20.24 -4.46 -23.07
C GLY A 120 20.12 -3.00 -22.70
N PRO A 121 21.24 -2.26 -22.67
CA PRO A 121 21.17 -0.84 -22.31
C PRO A 121 20.08 -0.04 -23.08
N HIS A 122 19.61 -0.62 -24.18
CA HIS A 122 18.59 0.02 -25.01
C HIS A 122 17.29 0.21 -24.24
N MET A 123 17.08 -0.60 -23.22
CA MET A 123 15.87 -0.50 -22.43
C MET A 123 16.12 0.31 -21.16
N ILE A 124 17.22 1.03 -21.17
CA ILE A 124 17.59 1.90 -20.07
C ILE A 124 17.48 3.33 -20.60
N CYS A 125 16.68 4.14 -19.92
CA CYS A 125 16.46 5.55 -20.29
C CYS A 125 17.82 6.18 -20.56
N ARG A 126 17.90 6.94 -21.64
CA ARG A 126 19.16 7.56 -22.00
C ARG A 126 19.60 8.63 -21.02
N ASP A 127 18.69 9.05 -20.15
CA ASP A 127 19.02 10.09 -19.19
C ASP A 127 19.55 9.53 -17.89
N ASP A 128 19.64 8.21 -17.81
CA ASP A 128 20.20 7.54 -16.64
C ASP A 128 21.62 7.20 -17.17
N THR A 129 22.39 8.24 -17.52
CA THR A 129 23.71 8.06 -18.13
C THR A 129 24.59 7.00 -17.49
N LYS A 130 24.54 6.90 -16.16
CA LYS A 130 25.34 5.92 -15.44
C LYS A 130 25.24 4.48 -15.97
N TYR A 131 24.26 4.22 -16.85
CA TYR A 131 24.03 2.87 -17.40
C TYR A 131 23.68 2.81 -18.90
N SER A 132 22.87 3.78 -19.33
CA SER A 132 22.40 3.88 -20.71
C SER A 132 23.48 3.83 -21.75
N ASP A 133 23.02 3.82 -22.99
CA ASP A 133 23.90 3.84 -24.14
C ASP A 133 23.49 5.09 -24.91
N GLY A 134 22.50 5.80 -24.36
CA GLY A 134 21.99 7.03 -24.94
C GLY A 134 21.00 6.89 -26.07
N THR A 135 20.61 5.66 -26.38
CA THR A 135 19.67 5.39 -27.48
C THR A 135 18.22 5.18 -27.09
N ALA A 136 17.94 5.04 -25.80
CA ALA A 136 16.58 4.83 -25.33
C ALA A 136 15.84 6.15 -25.23
N ASN A 137 14.60 6.09 -24.73
CA ASN A 137 13.79 7.27 -24.54
C ASN A 137 14.24 7.99 -23.29
N LEU A 138 13.52 9.04 -22.90
CA LEU A 138 13.83 9.77 -21.69
C LEU A 138 12.93 9.26 -20.57
N ASP A 139 13.46 9.22 -19.34
CA ASP A 139 12.73 8.76 -18.16
C ASP A 139 11.41 9.50 -18.09
N THR A 140 10.31 8.76 -17.87
CA THR A 140 8.97 9.37 -17.80
C THR A 140 8.61 9.74 -16.37
N GLY A 141 9.45 9.34 -15.42
CA GLY A 141 9.24 9.64 -14.02
C GLY A 141 10.56 9.79 -13.25
N ALA A 142 10.48 9.79 -11.93
CA ALA A 142 11.68 9.93 -11.11
C ALA A 142 12.75 8.89 -11.39
N ASP A 143 13.98 9.17 -10.99
CA ASP A 143 15.03 8.18 -11.17
C ASP A 143 15.36 7.59 -9.84
N PHE A 144 15.96 6.39 -9.88
CA PHE A 144 16.39 5.68 -8.69
C PHE A 144 17.89 5.48 -8.92
N ALA A 145 18.68 6.21 -8.12
CA ALA A 145 20.12 6.19 -8.20
C ALA A 145 20.65 4.77 -8.24
N ALA A 146 20.51 4.07 -7.11
CA ALA A 146 20.98 2.69 -6.95
C ALA A 146 20.94 1.76 -8.16
N ALA A 147 19.98 1.92 -9.07
CA ALA A 147 19.93 0.99 -10.18
C ALA A 147 19.35 1.52 -11.48
N PRO A 148 19.59 0.77 -12.58
CA PRO A 148 19.13 1.08 -13.94
C PRO A 148 17.62 1.31 -14.06
N ASP A 149 17.23 2.50 -14.54
CA ASP A 149 15.82 2.83 -14.73
C ASP A 149 15.39 2.42 -16.13
N ILE A 150 14.35 1.60 -16.20
CA ILE A 150 13.87 1.11 -17.46
C ILE A 150 13.08 2.14 -18.25
N ASP A 151 13.28 2.13 -19.56
CA ASP A 151 12.56 3.05 -20.43
C ASP A 151 11.19 2.44 -20.80
N HIS A 152 10.18 2.80 -20.04
CA HIS A 152 8.84 2.28 -20.29
C HIS A 152 8.18 2.71 -21.59
N LEU A 153 8.76 3.70 -22.27
CA LEU A 153 8.17 4.15 -23.56
C LEU A 153 8.62 3.18 -24.62
N ASN A 154 9.42 2.23 -24.18
CA ASN A 154 9.97 1.24 -25.04
C ASN A 154 8.97 0.18 -25.39
N ASP A 155 8.68 0.11 -26.68
CA ASP A 155 7.77 -0.88 -27.24
C ASP A 155 7.95 -2.27 -26.60
N ARG A 156 9.14 -2.86 -26.75
CA ARG A 156 9.39 -4.20 -26.22
C ARG A 156 9.12 -4.29 -24.71
N VAL A 157 9.67 -3.37 -23.92
CA VAL A 157 9.46 -3.40 -22.47
C VAL A 157 7.97 -3.57 -22.06
N GLN A 158 7.09 -2.67 -22.50
CA GLN A 158 5.67 -2.74 -22.17
C GLN A 158 5.09 -4.10 -22.57
N ARG A 159 5.70 -4.74 -23.56
CA ARG A 159 5.25 -6.03 -24.07
C ARG A 159 5.65 -7.18 -23.18
N GLU A 160 6.95 -7.38 -23.03
CA GLU A 160 7.45 -8.47 -22.22
C GLU A 160 7.03 -8.34 -20.77
N LEU A 161 6.77 -7.12 -20.32
CA LEU A 161 6.39 -6.90 -18.95
C LEU A 161 4.95 -7.25 -18.65
N LYS A 162 4.04 -6.94 -19.57
CA LYS A 162 2.64 -7.29 -19.36
C LYS A 162 2.55 -8.82 -19.38
N GLU A 163 3.28 -9.44 -20.33
CA GLU A 163 3.35 -10.90 -20.51
C GLU A 163 3.79 -11.54 -19.19
N TRP A 164 4.83 -10.95 -18.60
CA TRP A 164 5.39 -11.39 -17.33
C TRP A 164 4.33 -11.20 -16.26
N LEU A 165 3.70 -10.04 -16.25
CA LEU A 165 2.64 -9.78 -15.28
C LEU A 165 1.51 -10.79 -15.47
N LEU A 166 1.05 -10.93 -16.71
CA LEU A 166 -0.04 -11.87 -16.99
C LEU A 166 0.32 -13.28 -16.55
N TRP A 167 1.61 -13.59 -16.56
CA TRP A 167 2.09 -14.89 -16.12
C TRP A 167 1.94 -15.00 -14.61
N LEU A 168 2.32 -13.96 -13.87
CA LEU A 168 2.21 -13.97 -12.41
C LEU A 168 0.84 -14.43 -11.95
N LYS A 169 -0.19 -13.98 -12.68
CA LYS A 169 -1.55 -14.35 -12.34
C LYS A 169 -1.76 -15.78 -12.77
N SER A 170 -1.66 -16.01 -14.08
CA SER A 170 -1.88 -17.34 -14.65
C SER A 170 -1.05 -18.49 -14.07
N ASP A 171 0.07 -18.22 -13.41
CA ASP A 171 0.82 -19.35 -12.89
C ASP A 171 0.79 -19.47 -11.38
N LEU A 172 1.22 -18.40 -10.71
CA LEU A 172 1.27 -18.33 -9.25
C LEU A 172 -0.12 -18.13 -8.63
N GLY A 173 -0.92 -17.23 -9.22
CA GLY A 173 -2.26 -17.01 -8.72
C GLY A 173 -2.61 -15.58 -8.41
N PHE A 174 -1.65 -14.68 -8.51
CA PHE A 174 -1.89 -13.28 -8.19
C PHE A 174 -3.12 -12.67 -8.86
N ASP A 175 -3.85 -11.88 -8.09
CA ASP A 175 -5.08 -11.19 -8.51
C ASP A 175 -4.93 -9.70 -8.72
N ALA A 176 -4.27 -9.05 -7.76
CA ALA A 176 -4.08 -7.60 -7.77
C ALA A 176 -2.63 -7.12 -7.78
N TRP A 177 -2.43 -5.83 -8.08
CA TRP A 177 -1.08 -5.27 -8.11
C TRP A 177 -0.89 -4.14 -7.10
N ARG A 178 0.35 -4.01 -6.63
CA ARG A 178 0.77 -2.96 -5.71
C ARG A 178 2.01 -2.47 -6.40
N LEU A 179 1.89 -1.31 -7.03
CA LEU A 179 2.96 -0.69 -7.79
C LEU A 179 4.01 -0.02 -6.92
N ASP A 180 5.22 -0.57 -6.90
CA ASP A 180 6.29 0.00 -6.08
C ASP A 180 6.89 1.23 -6.75
N PHE A 181 7.13 2.25 -5.95
CA PHE A 181 7.75 3.46 -6.43
C PHE A 181 7.11 3.95 -7.70
N ALA A 182 5.85 4.33 -7.59
CA ALA A 182 5.11 4.82 -8.73
C ALA A 182 5.54 6.20 -9.18
N ARG A 183 6.22 6.94 -8.32
CA ARG A 183 6.65 8.28 -8.70
C ARG A 183 7.75 8.20 -9.75
N GLY A 184 8.11 6.98 -10.14
CA GLY A 184 9.16 6.79 -11.13
C GLY A 184 8.75 6.80 -12.59
N TYR A 185 7.45 6.75 -12.86
CA TYR A 185 6.99 6.77 -14.24
C TYR A 185 5.62 7.39 -14.34
N SER A 186 5.41 8.19 -15.38
CA SER A 186 4.12 8.86 -15.54
C SER A 186 2.94 7.93 -15.31
N PRO A 187 1.82 8.48 -14.84
CA PRO A 187 0.66 7.62 -14.61
C PRO A 187 0.26 7.03 -15.97
N GLU A 188 0.55 7.80 -17.02
CA GLU A 188 0.29 7.40 -18.39
C GLU A 188 0.87 6.01 -18.56
N MET A 189 2.05 5.79 -17.98
CA MET A 189 2.68 4.48 -18.10
C MET A 189 2.09 3.41 -17.21
N ALA A 190 1.71 3.76 -15.98
CA ALA A 190 1.12 2.75 -15.11
C ALA A 190 -0.11 2.23 -15.87
N LYS A 191 -0.88 3.15 -16.44
CA LYS A 191 -2.08 2.83 -17.20
C LYS A 191 -1.84 1.74 -18.25
N VAL A 192 -0.73 1.81 -18.98
CA VAL A 192 -0.46 0.80 -19.98
C VAL A 192 -0.50 -0.56 -19.29
N TYR A 193 0.28 -0.68 -18.22
CA TYR A 193 0.36 -1.92 -17.47
C TYR A 193 -0.96 -2.36 -16.81
N ILE A 194 -1.57 -1.47 -16.06
CA ILE A 194 -2.81 -1.78 -15.40
C ILE A 194 -3.83 -2.36 -16.37
N ASP A 195 -4.19 -1.63 -17.40
CA ASP A 195 -5.18 -2.08 -18.39
C ASP A 195 -4.93 -3.43 -19.11
N GLY A 196 -3.69 -3.68 -19.52
CA GLY A 196 -3.38 -4.91 -20.22
C GLY A 196 -3.08 -6.10 -19.33
N THR A 197 -3.51 -6.03 -18.07
CA THR A 197 -3.28 -7.14 -17.14
C THR A 197 -4.45 -7.20 -16.15
N SER A 198 -5.33 -6.21 -16.26
CA SER A 198 -6.53 -6.06 -15.44
C SER A 198 -6.60 -6.84 -14.13
N PRO A 199 -6.11 -6.23 -13.05
CA PRO A 199 -6.12 -6.85 -11.72
C PRO A 199 -7.40 -6.42 -11.03
N SER A 200 -7.76 -7.11 -9.97
CA SER A 200 -8.97 -6.76 -9.24
C SER A 200 -8.81 -5.35 -8.71
N LEU A 201 -7.55 -4.91 -8.62
CA LEU A 201 -7.22 -3.58 -8.15
C LEU A 201 -5.72 -3.38 -8.17
N ALA A 202 -5.31 -2.14 -8.45
CA ALA A 202 -3.90 -1.81 -8.50
C ALA A 202 -3.67 -0.55 -7.67
N VAL A 203 -3.11 -0.72 -6.48
CA VAL A 203 -2.84 0.41 -5.60
C VAL A 203 -1.38 0.77 -5.79
N ALA A 204 -1.13 2.05 -6.09
CA ALA A 204 0.21 2.55 -6.37
C ALA A 204 0.82 3.34 -5.23
N GLU A 205 2.15 3.38 -5.22
CA GLU A 205 2.89 4.09 -4.19
C GLU A 205 3.47 5.40 -4.71
N VAL A 206 2.67 6.44 -4.62
CA VAL A 206 3.10 7.75 -5.02
C VAL A 206 3.32 8.45 -3.68
N TRP A 207 4.59 8.75 -3.37
CA TRP A 207 4.96 9.34 -2.09
C TRP A 207 5.81 10.60 -2.17
N ASP A 208 5.14 11.75 -2.14
CA ASP A 208 5.81 13.06 -2.19
C ASP A 208 5.88 13.61 -0.77
N ASN A 209 6.79 14.56 -0.56
CA ASN A 209 6.92 15.15 0.77
C ASN A 209 5.66 15.93 1.08
N MET A 210 5.45 16.16 2.37
CA MET A 210 4.30 16.90 2.84
C MET A 210 4.86 18.27 3.21
N ALA A 211 4.06 19.30 3.00
CA ALA A 211 4.49 20.67 3.32
C ALA A 211 4.58 20.79 4.84
N THR A 212 5.67 21.35 5.34
CA THR A 212 5.83 21.43 6.80
C THR A 212 6.08 22.80 7.40
N GLY A 213 5.50 23.02 8.57
CA GLY A 213 5.70 24.27 9.29
C GLY A 213 7.17 24.37 9.67
N GLY A 214 7.63 25.60 9.92
CA GLY A 214 9.04 25.84 10.25
C GLY A 214 9.51 25.01 11.41
N ASP A 215 8.55 24.53 12.20
CA ASP A 215 8.80 23.73 13.40
C ASP A 215 8.76 22.22 13.17
N GLY A 216 8.99 21.77 11.93
CA GLY A 216 8.98 20.33 11.66
C GLY A 216 7.60 19.66 11.50
N LYS A 217 6.57 20.24 12.12
CA LYS A 217 5.20 19.70 12.04
C LYS A 217 4.63 19.90 10.64
N PRO A 218 3.75 19.01 10.20
CA PRO A 218 3.21 19.22 8.85
C PRO A 218 2.13 20.30 8.89
N ASN A 219 2.01 21.08 7.82
CA ASN A 219 1.00 22.12 7.77
C ASN A 219 -0.37 21.55 7.96
N TYR A 220 -1.35 22.42 8.11
CA TYR A 220 -2.73 22.00 8.33
C TYR A 220 -3.51 21.76 7.05
N ASP A 221 -3.33 22.66 6.08
CA ASP A 221 -4.01 22.56 4.81
C ASP A 221 -3.15 21.68 3.91
N GLN A 222 -3.52 20.41 3.72
CA GLN A 222 -2.72 19.52 2.88
C GLN A 222 -3.24 19.31 1.47
N ASP A 223 -4.24 20.11 1.08
CA ASP A 223 -4.89 20.03 -0.24
C ASP A 223 -3.95 19.80 -1.42
N ALA A 224 -2.79 20.45 -1.43
CA ALA A 224 -1.86 20.28 -2.52
C ALA A 224 -1.31 18.87 -2.52
N HIS A 225 -0.96 18.38 -1.33
CA HIS A 225 -0.41 17.04 -1.22
C HIS A 225 -1.37 15.99 -1.77
N ARG A 226 -2.65 16.10 -1.40
CA ARG A 226 -3.64 15.12 -1.87
C ARG A 226 -4.16 15.35 -3.29
N GLN A 227 -4.07 16.59 -3.78
CA GLN A 227 -4.52 16.92 -5.14
C GLN A 227 -3.55 16.20 -6.09
N ASN A 228 -2.35 15.97 -5.60
CA ASN A 228 -1.36 15.28 -6.40
C ASN A 228 -1.60 13.80 -6.43
N LEU A 229 -2.53 13.32 -5.62
CA LEU A 229 -2.78 11.90 -5.66
C LEU A 229 -4.05 11.64 -6.43
N VAL A 230 -5.10 12.41 -6.15
CA VAL A 230 -6.34 12.22 -6.86
C VAL A 230 -6.09 12.56 -8.33
N ASN A 231 -5.01 13.27 -8.58
CA ASN A 231 -4.68 13.64 -9.95
C ASN A 231 -4.00 12.50 -10.66
N TRP A 232 -3.03 11.89 -10.00
CA TRP A 232 -2.31 10.73 -10.56
C TRP A 232 -3.36 9.66 -10.86
N VAL A 233 -4.39 9.60 -10.04
CA VAL A 233 -5.44 8.61 -10.27
C VAL A 233 -6.26 9.10 -11.46
N ASP A 234 -6.42 10.42 -11.53
CA ASP A 234 -7.16 11.06 -12.61
C ASP A 234 -6.53 10.61 -13.92
N LYS A 235 -5.24 10.87 -14.11
CA LYS A 235 -4.55 10.52 -15.34
C LYS A 235 -4.42 9.03 -15.67
N VAL A 236 -4.97 8.16 -14.83
CA VAL A 236 -4.84 6.71 -15.06
C VAL A 236 -6.13 5.99 -15.46
N GLY A 237 -7.23 6.73 -15.60
CA GLY A 237 -8.49 6.14 -15.98
C GLY A 237 -9.53 6.31 -14.91
N GLY A 238 -9.10 6.85 -13.76
CA GLY A 238 -9.99 7.08 -12.63
C GLY A 238 -11.16 6.12 -12.40
N ALA A 239 -12.35 6.65 -12.53
CA ALA A 239 -13.58 5.89 -12.34
C ALA A 239 -13.49 4.50 -12.96
N ALA A 240 -13.07 4.44 -14.21
CA ALA A 240 -13.00 3.18 -14.92
C ALA A 240 -11.69 2.41 -14.74
N SER A 241 -10.80 2.87 -13.87
CA SER A 241 -9.53 2.19 -13.68
C SER A 241 -9.45 1.28 -12.47
N ALA A 242 -8.60 0.28 -12.55
CA ALA A 242 -8.44 -0.65 -11.45
C ALA A 242 -7.51 0.01 -10.44
N GLY A 243 -6.74 0.98 -10.92
CA GLY A 243 -5.79 1.67 -10.07
C GLY A 243 -6.37 2.54 -8.96
N MET A 244 -5.61 2.63 -7.87
CA MET A 244 -5.96 3.44 -6.72
C MET A 244 -4.63 3.78 -6.06
N VAL A 245 -4.67 4.65 -5.07
CA VAL A 245 -3.43 5.05 -4.41
C VAL A 245 -3.54 5.00 -2.92
N PHE A 246 -2.39 4.76 -2.28
CA PHE A 246 -2.30 4.71 -0.84
C PHE A 246 -2.52 6.15 -0.43
N ASP A 247 -3.25 6.35 0.67
CA ASP A 247 -3.57 7.68 1.17
C ASP A 247 -2.43 8.21 2.02
N PHE A 248 -1.35 8.63 1.37
CA PHE A 248 -0.23 9.14 2.11
C PHE A 248 -0.61 10.43 2.80
N THR A 249 -1.57 11.13 2.20
CA THR A 249 -2.02 12.39 2.77
C THR A 249 -2.51 12.16 4.19
N THR A 250 -3.29 11.11 4.37
CA THR A 250 -3.84 10.72 5.67
C THR A 250 -2.76 10.35 6.70
N LYS A 251 -1.74 9.67 6.23
CA LYS A 251 -0.66 9.23 7.10
C LYS A 251 0.07 10.39 7.75
N GLY A 252 0.41 11.38 6.95
CA GLY A 252 1.12 12.55 7.47
C GLY A 252 0.29 13.37 8.42
N ILE A 253 -0.96 13.60 8.06
CA ILE A 253 -1.85 14.39 8.90
C ILE A 253 -2.15 13.63 10.16
N LEU A 254 -2.39 12.33 10.04
CA LEU A 254 -2.71 11.52 11.19
C LEU A 254 -1.51 11.35 12.10
N ASN A 255 -0.33 11.37 11.49
CA ASN A 255 0.87 11.22 12.28
C ASN A 255 0.99 12.33 13.31
N ALA A 256 0.62 13.55 12.91
CA ALA A 256 0.69 14.69 13.79
C ALA A 256 -0.54 14.93 14.68
N ALA A 257 -1.70 14.45 14.26
CA ALA A 257 -2.93 14.67 15.01
C ALA A 257 -3.13 13.85 16.30
N VAL A 258 -2.73 12.59 16.29
CA VAL A 258 -2.89 11.78 17.49
C VAL A 258 -2.12 12.45 18.63
N GLU A 259 -1.18 13.31 18.29
CA GLU A 259 -0.40 14.04 19.29
C GLU A 259 -1.19 15.27 19.76
N GLY A 260 -2.26 15.02 20.50
CA GLY A 260 -3.08 16.11 21.04
C GLY A 260 -3.54 17.20 20.08
N GLU A 261 -3.61 16.86 18.81
CA GLU A 261 -4.02 17.85 17.85
C GLU A 261 -5.00 17.21 16.89
N LEU A 262 -6.08 16.67 17.43
CA LEU A 262 -7.07 16.03 16.57
C LEU A 262 -7.76 17.04 15.66
N TRP A 263 -7.72 18.32 16.02
CA TRP A 263 -8.38 19.31 15.18
C TRP A 263 -7.91 19.27 13.74
N ARG A 264 -6.75 18.62 13.51
CA ARG A 264 -6.16 18.50 12.18
C ARG A 264 -6.90 17.52 11.28
N LEU A 265 -7.83 16.74 11.84
CA LEU A 265 -8.54 15.75 11.05
C LEU A 265 -9.75 16.21 10.27
N ILE A 266 -9.88 17.51 10.05
CA ILE A 266 -11.02 18.03 9.31
C ILE A 266 -10.60 19.23 8.48
N ASP A 267 -11.12 19.31 7.26
CA ASP A 267 -10.81 20.43 6.36
C ASP A 267 -11.96 21.43 6.46
N PRO A 268 -11.73 22.67 6.03
CA PRO A 268 -12.74 23.74 6.07
C PRO A 268 -14.12 23.32 5.53
N GLN A 269 -14.14 22.22 4.78
CA GLN A 269 -15.36 21.74 4.15
C GLN A 269 -16.18 20.74 4.97
N GLY A 270 -15.67 20.37 6.13
CA GLY A 270 -16.37 19.41 6.96
C GLY A 270 -16.02 18.01 6.51
N LYS A 271 -14.96 17.92 5.70
CA LYS A 271 -14.51 16.64 5.17
C LYS A 271 -13.22 16.14 5.84
N ALA A 272 -12.78 14.94 5.47
CA ALA A 272 -11.55 14.37 6.04
C ALA A 272 -10.38 15.07 5.37
N PRO A 273 -9.20 15.03 5.99
CA PRO A 273 -8.09 15.73 5.33
C PRO A 273 -7.38 14.93 4.21
N GLY A 274 -7.23 13.61 4.40
CA GLY A 274 -6.54 12.80 3.41
C GLY A 274 -7.29 12.67 2.10
N VAL A 275 -6.85 11.77 1.22
CA VAL A 275 -7.53 11.57 -0.06
C VAL A 275 -8.92 11.01 0.24
N MET A 276 -9.06 10.51 1.45
CA MET A 276 -10.28 9.94 1.94
C MET A 276 -11.48 10.87 1.69
N GLY A 277 -11.37 12.11 2.11
CA GLY A 277 -12.46 13.03 1.92
C GLY A 277 -12.66 13.57 0.51
N TRP A 278 -11.77 13.21 -0.41
CA TRP A 278 -11.91 13.69 -1.79
C TRP A 278 -12.32 12.56 -2.73
N TRP A 279 -11.56 11.48 -2.72
CA TRP A 279 -11.88 10.30 -3.53
C TRP A 279 -11.71 9.08 -2.61
N PRO A 280 -12.71 8.82 -1.75
CA PRO A 280 -12.66 7.69 -0.81
C PRO A 280 -12.58 6.29 -1.37
N ALA A 281 -12.92 6.07 -2.64
CA ALA A 281 -12.87 4.71 -3.23
C ALA A 281 -11.54 4.39 -3.90
N LYS A 282 -10.65 5.37 -3.94
CA LYS A 282 -9.35 5.25 -4.56
C LYS A 282 -8.28 5.60 -3.56
N ALA A 283 -8.60 5.45 -2.28
CA ALA A 283 -7.65 5.76 -1.22
C ALA A 283 -7.48 4.62 -0.23
N VAL A 284 -6.28 4.06 -0.25
CA VAL A 284 -5.94 2.99 0.65
C VAL A 284 -5.26 3.63 1.86
N THR A 285 -5.98 3.66 2.97
CA THR A 285 -5.45 4.24 4.19
C THR A 285 -4.63 3.19 4.96
N PHE A 286 -3.76 3.67 5.83
CA PHE A 286 -2.94 2.76 6.61
C PHE A 286 -2.31 3.42 7.81
N VAL A 287 -1.76 2.62 8.71
CA VAL A 287 -1.12 3.12 9.92
C VAL A 287 0.40 3.25 9.75
N ASP A 288 1.00 2.24 9.13
CA ASP A 288 2.44 2.19 8.86
C ASP A 288 2.64 1.07 7.84
N ASN A 289 3.75 1.10 7.11
CA ASN A 289 4.07 0.06 6.13
C ASN A 289 5.49 -0.45 6.40
N HIS A 290 6.15 -1.05 5.43
CA HIS A 290 7.50 -1.55 5.66
C HIS A 290 8.57 -0.47 5.56
N ASP A 291 8.21 0.69 5.00
CA ASP A 291 9.15 1.80 4.89
C ASP A 291 8.98 2.72 6.10
N THR A 292 7.75 3.21 6.29
CA THR A 292 7.43 4.12 7.38
C THR A 292 7.55 3.56 8.80
N GLY A 293 7.36 2.25 8.95
CA GLY A 293 7.48 1.64 10.27
C GLY A 293 8.50 0.51 10.29
N SER A 294 8.17 -0.58 10.98
CA SER A 294 9.05 -1.75 11.10
C SER A 294 10.48 -1.38 11.53
N THR A 295 11.50 -1.89 10.84
CA THR A 295 12.87 -1.56 11.21
C THR A 295 13.54 -0.56 10.28
N GLN A 296 12.77 0.09 9.43
CA GLN A 296 13.34 1.11 8.55
C GLN A 296 12.93 2.45 9.16
N ALA A 297 11.76 2.44 9.77
CA ALA A 297 11.21 3.60 10.45
C ALA A 297 11.48 4.95 9.82
N MET A 298 11.19 5.10 8.53
CA MET A 298 11.41 6.38 7.88
C MET A 298 10.39 7.40 8.34
N TRP A 299 9.26 6.90 8.83
CA TRP A 299 8.15 7.76 9.25
C TRP A 299 7.18 6.98 10.14
N PRO A 300 7.64 6.40 11.25
CA PRO A 300 6.75 5.63 12.12
C PRO A 300 5.65 6.42 12.80
N PHE A 301 4.63 5.68 13.20
CA PHE A 301 3.47 6.24 13.86
C PHE A 301 3.70 6.24 15.37
N PRO A 302 3.15 7.24 16.10
CA PRO A 302 3.35 7.25 17.56
C PRO A 302 2.97 5.88 18.14
N SER A 303 3.98 5.07 18.49
CA SER A 303 3.76 3.72 19.01
C SER A 303 2.70 3.55 20.09
N ASP A 304 2.57 4.54 20.96
CA ASP A 304 1.58 4.49 22.04
C ASP A 304 0.17 4.92 21.62
N LYS A 305 0.00 5.18 20.33
CA LYS A 305 -1.29 5.60 19.77
C LYS A 305 -1.67 4.83 18.52
N VAL A 306 -0.94 3.73 18.25
CA VAL A 306 -1.18 2.90 17.06
C VAL A 306 -2.57 2.32 16.95
N MET A 307 -3.30 2.26 18.06
CA MET A 307 -4.64 1.73 18.00
C MET A 307 -5.65 2.81 17.66
N GLN A 308 -5.31 4.04 18.01
CA GLN A 308 -6.19 5.18 17.73
C GLN A 308 -6.31 5.27 16.23
N GLY A 309 -5.27 4.85 15.52
CA GLY A 309 -5.29 4.87 14.07
C GLY A 309 -6.25 3.83 13.49
N TYR A 310 -6.06 2.57 13.89
CA TYR A 310 -6.92 1.50 13.39
C TYR A 310 -8.36 1.77 13.72
N ALA A 311 -8.58 2.41 14.88
CA ALA A 311 -9.92 2.75 15.32
C ALA A 311 -10.42 3.76 14.32
N TYR A 312 -9.50 4.50 13.73
CA TYR A 312 -9.86 5.50 12.76
C TYR A 312 -10.01 4.93 11.35
N ILE A 313 -8.97 4.27 10.84
CA ILE A 313 -9.05 3.76 9.48
C ILE A 313 -9.98 2.61 9.24
N LEU A 314 -10.20 1.77 10.25
CA LEU A 314 -11.06 0.61 10.08
C LEU A 314 -12.55 0.89 10.25
N THR A 315 -12.92 2.16 10.33
CA THR A 315 -14.32 2.55 10.47
C THR A 315 -14.72 3.72 9.59
N HIS A 316 -13.73 4.43 9.02
CA HIS A 316 -14.00 5.58 8.16
C HIS A 316 -14.03 5.24 6.68
N PRO A 317 -14.41 6.19 5.84
CA PRO A 317 -14.43 5.87 4.41
C PRO A 317 -13.02 5.54 3.95
N GLY A 318 -12.89 4.92 2.79
CA GLY A 318 -11.59 4.55 2.27
C GLY A 318 -11.33 3.07 2.50
N ILE A 319 -10.28 2.52 1.89
CA ILE A 319 -9.96 1.12 2.07
C ILE A 319 -8.83 0.97 3.09
N PRO A 320 -9.10 0.32 4.24
CA PRO A 320 -8.05 0.15 5.23
C PRO A 320 -7.19 -1.07 4.96
N CYS A 321 -5.88 -0.90 5.18
CA CYS A 321 -4.89 -1.95 4.98
C CYS A 321 -4.19 -2.19 6.33
N ILE A 322 -4.35 -3.38 6.89
CA ILE A 322 -3.74 -3.69 8.18
C ILE A 322 -2.31 -4.16 8.08
N PHE A 323 -1.46 -3.63 8.95
CA PHE A 323 -0.06 -3.96 8.94
C PHE A 323 0.31 -5.17 9.79
N TYR A 324 1.05 -6.09 9.19
CA TYR A 324 1.48 -7.32 9.85
C TYR A 324 1.82 -7.19 11.33
N ASP A 325 3.01 -6.67 11.60
CA ASP A 325 3.46 -6.48 12.99
C ASP A 325 2.29 -6.14 13.89
N HIS A 326 1.45 -5.22 13.42
CA HIS A 326 0.33 -4.74 14.17
C HIS A 326 -0.71 -5.78 14.54
N PHE A 327 -0.96 -6.73 13.64
CA PHE A 327 -1.94 -7.76 13.91
C PHE A 327 -1.42 -8.92 14.77
N PHE A 328 -0.20 -9.37 14.49
CA PHE A 328 0.39 -10.51 15.20
C PHE A 328 1.44 -10.25 16.31
N ASN A 329 2.22 -9.17 16.19
CA ASN A 329 3.28 -8.90 17.15
C ASN A 329 3.18 -7.69 18.10
N TRP A 330 2.00 -7.08 18.24
CA TRP A 330 1.92 -5.91 19.12
C TRP A 330 0.89 -6.06 20.22
N GLY A 331 0.29 -7.22 20.34
CA GLY A 331 -0.74 -7.46 21.35
C GLY A 331 -2.11 -6.89 21.02
N PHE A 332 -2.38 -6.66 19.73
CA PHE A 332 -3.66 -6.11 19.30
C PHE A 332 -4.48 -7.06 18.43
N LYS A 333 -4.11 -8.32 18.31
CA LYS A 333 -4.87 -9.17 17.40
C LYS A 333 -6.35 -8.93 17.57
N ASP A 334 -6.89 -9.39 18.68
CA ASP A 334 -8.33 -9.27 18.96
C ASP A 334 -8.93 -7.88 18.72
N GLN A 335 -8.39 -6.88 19.39
CA GLN A 335 -8.89 -5.52 19.24
C GLN A 335 -9.16 -5.08 17.79
N ILE A 336 -8.27 -5.49 16.88
CA ILE A 336 -8.36 -5.15 15.47
C ILE A 336 -9.47 -5.84 14.69
N ALA A 337 -9.61 -7.16 14.85
CA ALA A 337 -10.64 -7.91 14.15
C ALA A 337 -12.04 -7.53 14.65
N ALA A 338 -12.10 -7.01 15.87
CA ALA A 338 -13.37 -6.60 16.47
C ALA A 338 -13.98 -5.43 15.68
N LEU A 339 -13.10 -4.58 15.17
CA LEU A 339 -13.52 -3.44 14.39
C LEU A 339 -13.94 -3.90 13.01
N VAL A 340 -12.99 -4.54 12.32
CA VAL A 340 -13.21 -5.03 10.97
C VAL A 340 -14.61 -5.65 10.95
N ALA A 341 -14.94 -6.28 12.06
CA ALA A 341 -16.23 -6.92 12.25
C ALA A 341 -17.26 -5.79 12.24
N ILE A 342 -17.10 -4.82 13.14
CA ILE A 342 -18.01 -3.67 13.21
C ILE A 342 -18.18 -3.13 11.79
N ARG A 343 -17.07 -2.81 11.14
CA ARG A 343 -17.11 -2.29 9.80
C ARG A 343 -17.93 -3.25 8.92
N LYS A 344 -17.77 -4.55 9.17
CA LYS A 344 -18.48 -5.54 8.37
C LYS A 344 -19.92 -5.70 8.80
N ARG A 345 -20.14 -5.84 10.10
CA ARG A 345 -21.48 -5.98 10.65
C ARG A 345 -22.41 -4.84 10.21
N ASN A 346 -21.87 -3.62 10.09
CA ASN A 346 -22.66 -2.47 9.66
C ASN A 346 -22.62 -2.16 8.18
N GLY A 347 -22.12 -3.08 7.37
CA GLY A 347 -22.07 -2.86 5.93
C GLY A 347 -21.39 -1.59 5.49
N ILE A 348 -20.33 -1.22 6.19
CA ILE A 348 -19.56 -0.01 5.86
C ILE A 348 -18.53 -0.35 4.77
N THR A 349 -18.27 0.63 3.89
CA THR A 349 -17.34 0.48 2.76
C THR A 349 -16.50 1.73 2.42
N ALA A 350 -15.67 1.60 1.39
CA ALA A 350 -14.80 2.68 0.94
C ALA A 350 -15.50 4.00 0.82
N THR A 351 -16.77 3.95 0.44
CA THR A 351 -17.54 5.15 0.20
C THR A 351 -18.64 5.52 1.18
N SER A 352 -18.66 4.90 2.36
CA SER A 352 -19.66 5.24 3.36
C SER A 352 -19.62 6.73 3.59
N ALA A 353 -20.68 7.30 4.13
CA ALA A 353 -20.64 8.74 4.36
C ALA A 353 -19.96 9.02 5.68
N LEU A 354 -19.32 10.17 5.77
CA LEU A 354 -18.63 10.59 6.98
C LEU A 354 -19.28 11.85 7.56
N LYS A 355 -19.52 11.86 8.86
CA LYS A 355 -20.11 13.03 9.49
C LYS A 355 -19.38 13.32 10.76
N ILE A 356 -18.36 14.15 10.66
CA ILE A 356 -17.56 14.50 11.80
C ILE A 356 -18.48 15.19 12.80
N LEU A 357 -18.42 14.72 14.05
CA LEU A 357 -19.24 15.27 15.14
C LEU A 357 -18.48 16.18 16.10
N MET A 358 -17.16 16.02 16.16
CA MET A 358 -16.33 16.83 17.04
C MET A 358 -14.88 16.71 16.62
N HIS A 359 -14.22 17.85 16.41
CA HIS A 359 -12.82 17.85 16.00
C HIS A 359 -11.91 18.74 16.82
N GLU A 360 -11.90 18.51 18.13
CA GLU A 360 -11.05 19.30 19.01
C GLU A 360 -9.74 18.56 19.29
N GLY A 361 -8.69 19.34 19.42
CA GLY A 361 -7.35 18.79 19.64
C GLY A 361 -7.24 17.47 20.36
N ASP A 362 -8.02 17.28 21.42
CA ASP A 362 -7.93 16.06 22.21
C ASP A 362 -9.18 15.16 22.09
N ALA A 363 -10.03 15.46 21.11
CA ALA A 363 -11.23 14.65 20.93
C ALA A 363 -11.82 14.73 19.52
N TYR A 364 -11.78 13.58 18.83
CA TYR A 364 -12.31 13.45 17.48
C TYR A 364 -13.41 12.40 17.49
N VAL A 365 -14.66 12.82 17.25
CA VAL A 365 -15.79 11.91 17.20
C VAL A 365 -16.39 11.97 15.81
N ALA A 366 -16.91 10.85 15.33
CA ALA A 366 -17.51 10.84 14.01
C ALA A 366 -18.58 9.78 13.88
N GLU A 367 -19.44 9.95 12.87
CA GLU A 367 -20.54 9.06 12.61
C GLU A 367 -20.39 8.66 11.18
N ILE A 368 -20.34 7.36 10.91
CA ILE A 368 -20.19 6.86 9.55
C ILE A 368 -21.48 6.15 9.11
N ASP A 369 -22.20 6.73 8.15
CA ASP A 369 -23.44 6.16 7.66
C ASP A 369 -24.54 6.24 8.72
N GLY A 370 -24.30 6.98 9.79
CA GLY A 370 -25.31 7.04 10.82
C GLY A 370 -25.63 5.67 11.42
N LYS A 371 -24.64 4.78 11.43
CA LYS A 371 -24.78 3.43 11.97
C LYS A 371 -23.64 3.19 12.96
N VAL A 372 -22.58 3.96 12.79
CA VAL A 372 -21.39 3.85 13.64
C VAL A 372 -20.81 5.22 14.06
N VAL A 373 -20.30 5.28 15.29
CA VAL A 373 -19.70 6.48 15.83
C VAL A 373 -18.39 6.10 16.52
N VAL A 374 -17.31 6.76 16.10
CA VAL A 374 -16.01 6.50 16.68
C VAL A 374 -15.38 7.76 17.27
N LYS A 375 -14.67 7.59 18.38
CA LYS A 375 -14.02 8.69 19.07
C LYS A 375 -12.64 8.26 19.47
N ILE A 376 -11.64 9.01 19.01
CA ILE A 376 -10.26 8.72 19.36
C ILE A 376 -9.78 9.96 20.12
N GLY A 377 -8.84 9.79 21.03
CA GLY A 377 -8.35 10.93 21.77
C GLY A 377 -8.40 10.75 23.27
N SER A 378 -7.63 11.58 23.98
CA SER A 378 -7.56 11.51 25.42
C SER A 378 -8.40 12.59 26.06
N ARG A 379 -9.68 12.28 26.23
CA ARG A 379 -10.64 13.17 26.86
C ARG A 379 -11.73 12.24 27.34
N ALA A 380 -11.74 11.98 28.64
CA ALA A 380 -12.71 11.07 29.25
C ALA A 380 -14.13 11.21 28.73
N ASP A 381 -14.74 12.39 28.80
CA ASP A 381 -16.11 12.45 28.32
C ASP A 381 -16.42 13.19 27.04
N VAL A 382 -17.36 12.62 26.29
CA VAL A 382 -17.83 13.17 25.03
C VAL A 382 -19.31 12.81 24.88
N GLY A 383 -19.88 12.22 25.93
CA GLY A 383 -21.30 11.84 25.89
C GLY A 383 -22.17 12.91 25.26
N ALA A 384 -21.80 14.15 25.55
CA ALA A 384 -22.49 15.33 25.05
C ALA A 384 -22.85 15.21 23.59
N VAL A 385 -21.94 14.64 22.79
CA VAL A 385 -22.17 14.48 21.36
C VAL A 385 -22.07 13.03 20.88
N ILE A 386 -23.18 12.31 21.02
CA ILE A 386 -23.29 10.93 20.62
C ILE A 386 -24.77 10.82 20.28
N PRO A 387 -25.12 10.82 19.00
CA PRO A 387 -26.55 10.72 18.63
C PRO A 387 -27.39 9.71 19.42
N ALA A 388 -28.70 9.83 19.26
CA ALA A 388 -29.65 8.96 19.95
C ALA A 388 -29.60 7.50 19.51
N GLY A 389 -29.82 6.60 20.46
CA GLY A 389 -29.83 5.18 20.16
C GLY A 389 -28.46 4.62 19.83
N PHE A 390 -27.46 5.09 20.55
CA PHE A 390 -26.13 4.59 20.31
C PHE A 390 -25.63 3.88 21.54
N VAL A 391 -25.55 2.55 21.45
CA VAL A 391 -25.06 1.71 22.55
C VAL A 391 -23.54 1.59 22.38
N THR A 392 -22.82 1.54 23.48
CA THR A 392 -21.37 1.42 23.41
C THR A 392 -21.01 0.08 22.76
N SER A 393 -19.72 -0.16 22.57
CA SER A 393 -19.24 -1.37 21.93
C SER A 393 -17.71 -1.31 22.00
N ALA A 394 -17.05 -1.96 21.05
CA ALA A 394 -15.58 -1.96 21.03
C ALA A 394 -14.95 -0.67 21.56
N HIS A 395 -13.77 -0.81 22.18
CA HIS A 395 -13.02 0.33 22.71
C HIS A 395 -11.74 -0.14 23.40
N GLY A 396 -11.07 0.80 24.05
CA GLY A 396 -9.83 0.50 24.76
C GLY A 396 -8.93 1.71 24.71
N ASN A 397 -7.71 1.54 25.19
CA ASN A 397 -6.66 2.58 25.19
C ASN A 397 -6.91 3.82 24.31
N ASP A 398 -7.65 4.78 24.83
CA ASP A 398 -7.99 6.04 24.14
C ASP A 398 -8.69 6.00 22.80
N TYR A 399 -9.80 5.26 22.76
CA TYR A 399 -10.68 5.13 21.59
C TYR A 399 -11.91 4.37 22.07
N ALA A 400 -13.06 4.63 21.44
CA ALA A 400 -14.30 3.95 21.82
C ALA A 400 -15.20 3.80 20.60
N VAL A 401 -16.15 2.89 20.67
CA VAL A 401 -17.04 2.68 19.54
C VAL A 401 -18.46 2.40 19.95
N TRP A 402 -19.41 3.11 19.35
CA TRP A 402 -20.82 2.86 19.66
C TRP A 402 -21.54 2.51 18.36
N GLU A 403 -22.29 1.41 18.40
CA GLU A 403 -23.06 1.01 17.23
C GLU A 403 -24.49 1.37 17.57
N LYS A 404 -25.28 1.65 16.53
CA LYS A 404 -26.70 1.98 16.69
C LYS A 404 -27.32 0.82 17.46
#